data_2QGN
#
_entry.id   2QGN
#
_cell.length_a   50.855
_cell.length_b   50.855
_cell.length_c   204.697
_cell.angle_alpha   90.00
_cell.angle_beta   90.00
_cell.angle_gamma   120.00
#
_symmetry.space_group_name_H-M   'P 61'
#
loop_
_entity.id
_entity.type
_entity.pdbx_description
1 polymer 'tRNA delta(2)-isopentenylpyrophosphate transferase'
2 non-polymer 'SULFATE ION'
3 water water
#
_entity_poly.entity_id   1
_entity_poly.type   'polypeptide(L)'
_entity_poly.pdbx_seq_one_letter_code
;(MSE)KEKLVAIVGPTAVGKTKTSV(MSE)LAKRLNGEVISGDS(MSE)QVYRG(MSE)DIGTAKITAEE(MSE)DGVPH
HLIDIKDPSESFSVADFQDLATPLITEIHERGRLPFLVGGTGLYVNAVIHQFNLGDIRADEDYRHELEAFVNSYGVQALH
DKLSKIDPKAAAAIHPNNYRRVIRALEIIKLTGKTVTEQARHEEETPSPYNLV(MSE)IGLT(MSE)ERDVLYDRINRRV
DQ(MSE)VEEGLIDEAKKLYDRGIRDCQSVQAIGYKE(MSE)YDYLDGNVTLEEAIDTLKRNSRRYAKRQLTWFRNKANV
TWFD(MSE)TDVDFDKKI(MSE)EIHNFIAGKLEEKSKLEHHHHHH
;
_entity_poly.pdbx_strand_id   A
#
loop_
_chem_comp.id
_chem_comp.type
_chem_comp.name
_chem_comp.formula
SO4 non-polymer 'SULFATE ION' 'O4 S -2'
#
# COMPACT_ATOMS: atom_id res chain seq x y z
N LYS A 2 -19.17 -10.49 2.55
CA LYS A 2 -17.86 -10.58 3.23
C LYS A 2 -17.35 -12.01 3.37
N GLU A 3 -17.34 -12.76 2.26
CA GLU A 3 -16.85 -14.13 2.25
C GLU A 3 -15.46 -14.18 1.62
N LYS A 4 -15.40 -14.15 0.30
CA LYS A 4 -14.12 -14.21 -0.40
C LYS A 4 -13.38 -12.89 -0.31
N LEU A 5 -12.06 -12.96 -0.41
CA LEU A 5 -11.19 -11.80 -0.34
C LEU A 5 -9.75 -12.17 -0.72
N VAL A 6 -9.09 -11.27 -1.44
CA VAL A 6 -7.70 -11.46 -1.87
C VAL A 6 -6.91 -10.31 -1.25
N ALA A 7 -5.71 -10.60 -0.78
CA ALA A 7 -4.86 -9.58 -0.16
C ALA A 7 -3.50 -9.61 -0.83
N ILE A 8 -3.00 -8.45 -1.17
CA ILE A 8 -1.70 -8.35 -1.82
C ILE A 8 -0.79 -7.53 -0.95
N VAL A 9 0.19 -8.18 -0.35
CA VAL A 9 1.10 -7.48 0.57
C VAL A 9 2.53 -7.48 0.07
N GLY A 10 3.34 -6.61 0.65
CA GLY A 10 4.73 -6.53 0.25
C GLY A 10 5.27 -5.13 0.41
N PRO A 11 6.60 -4.97 0.44
CA PRO A 11 7.22 -3.64 0.59
C PRO A 11 6.90 -2.73 -0.58
N THR A 12 7.27 -1.46 -0.46
CA THR A 12 7.02 -0.48 -1.51
C THR A 12 7.91 -0.72 -2.72
N ALA A 13 7.44 -0.29 -3.89
CA ALA A 13 8.17 -0.42 -5.15
C ALA A 13 8.32 -1.84 -5.68
N VAL A 14 7.52 -2.78 -5.14
CA VAL A 14 7.62 -4.16 -5.61
C VAL A 14 6.65 -4.47 -6.75
N GLY A 15 5.69 -3.58 -6.97
CA GLY A 15 4.73 -3.79 -8.04
C GLY A 15 3.35 -4.18 -7.55
N LYS A 16 3.07 -3.88 -6.30
CA LYS A 16 1.76 -4.19 -5.73
C LYS A 16 0.66 -3.59 -6.58
N THR A 17 0.70 -2.28 -6.83
CA THR A 17 -0.33 -1.64 -7.64
C THR A 17 -0.48 -2.19 -9.04
N LYS A 18 0.64 -2.32 -9.76
CA LYS A 18 0.59 -2.84 -11.12
C LYS A 18 -0.06 -4.22 -11.14
N THR A 19 0.51 -5.16 -10.37
CA THR A 19 0.00 -6.52 -10.31
C THR A 19 -1.45 -6.50 -9.86
N SER A 20 -1.74 -5.55 -8.98
CA SER A 20 -3.06 -5.36 -8.44
C SER A 20 -4.14 -5.09 -9.48
N VAL A 21 -3.94 -4.04 -10.28
CA VAL A 21 -4.94 -3.68 -11.27
C VAL A 21 -5.09 -4.72 -12.36
N MSE A 22 -4.01 -5.42 -12.69
CA MSE A 22 -4.09 -6.45 -13.70
C MSE A 22 -4.94 -7.62 -13.20
O MSE A 22 -5.76 -8.16 -13.95
CB MSE A 22 -2.70 -6.97 -14.08
CG MSE A 22 -1.90 -6.02 -14.95
SE MSE A 22 -0.10 -6.69 -15.23
CE MSE A 22 -0.41 -7.61 -16.91
N LEU A 23 -4.75 -8.02 -11.94
CA LEU A 23 -5.55 -9.12 -11.41
C LEU A 23 -7.01 -8.72 -11.35
N ALA A 24 -7.28 -7.47 -10.99
CA ALA A 24 -8.65 -7.01 -10.92
C ALA A 24 -9.35 -7.15 -12.27
N LYS A 25 -8.69 -6.72 -13.35
CA LYS A 25 -9.26 -6.82 -14.69
C LYS A 25 -9.46 -8.27 -15.11
N ARG A 26 -8.67 -9.16 -14.54
CA ARG A 26 -8.78 -10.58 -14.83
C ARG A 26 -9.78 -11.30 -13.90
N LEU A 27 -10.07 -10.74 -12.72
CA LEU A 27 -11.00 -11.41 -11.81
C LEU A 27 -12.17 -10.58 -11.34
N ASN A 28 -12.59 -9.64 -12.17
CA ASN A 28 -13.72 -8.78 -11.84
C ASN A 28 -13.67 -8.29 -10.40
N GLY A 29 -12.64 -7.52 -10.07
CA GLY A 29 -12.52 -7.04 -8.71
C GLY A 29 -12.32 -5.54 -8.58
N GLU A 30 -12.52 -5.08 -7.34
CA GLU A 30 -12.37 -3.67 -6.97
C GLU A 30 -11.27 -3.59 -5.91
N VAL A 31 -10.49 -2.52 -5.95
CA VAL A 31 -9.39 -2.37 -5.02
C VAL A 31 -9.66 -1.50 -3.81
N ILE A 32 -9.31 -2.04 -2.64
CA ILE A 32 -9.46 -1.32 -1.39
C ILE A 32 -8.03 -1.11 -0.92
N SER A 33 -7.60 0.15 -0.92
CA SER A 33 -6.24 0.47 -0.50
C SER A 33 -6.03 0.29 0.98
N GLY A 34 -4.86 -0.23 1.33
CA GLY A 34 -4.53 -0.43 2.72
C GLY A 34 -3.48 0.58 3.17
N ASP A 35 -2.86 1.26 2.21
CA ASP A 35 -1.84 2.26 2.51
C ASP A 35 -2.56 3.52 3.00
N SER A 36 -2.58 3.69 4.33
CA SER A 36 -3.25 4.83 4.95
C SER A 36 -2.86 6.16 4.35
N MSE A 37 -1.59 6.29 3.96
CA MSE A 37 -1.11 7.52 3.34
C MSE A 37 -1.88 7.92 2.09
O MSE A 37 -1.94 9.10 1.74
CB MSE A 37 0.37 7.37 2.98
CG MSE A 37 1.27 7.50 4.17
SE MSE A 37 0.92 9.21 5.01
CE MSE A 37 -0.04 8.60 6.58
N GLN A 38 -2.48 6.93 1.42
CA GLN A 38 -3.27 7.17 0.20
C GLN A 38 -4.54 7.98 0.48
N VAL A 39 -4.98 8.00 1.73
CA VAL A 39 -6.19 8.71 2.10
C VAL A 39 -6.09 10.23 2.04
N TYR A 40 -4.95 10.78 2.38
CA TYR A 40 -4.82 12.24 2.41
C TYR A 40 -4.79 12.95 1.08
N ARG A 41 -5.93 13.49 0.66
CA ARG A 41 -5.98 14.19 -0.62
C ARG A 41 -5.04 15.39 -0.72
N GLY A 42 -4.63 15.71 -1.94
CA GLY A 42 -3.72 16.83 -2.14
C GLY A 42 -2.28 16.35 -2.05
N MSE A 43 -2.03 15.45 -1.10
CA MSE A 43 -0.70 14.90 -0.90
C MSE A 43 -0.59 13.70 -1.88
O MSE A 43 -0.92 12.57 -1.53
CB MSE A 43 -0.57 14.44 0.57
CG MSE A 43 -0.78 15.59 1.58
SE MSE A 43 -0.85 15.07 3.48
CE MSE A 43 1.02 14.61 3.75
N ASP A 44 -0.12 13.98 -3.10
CA ASP A 44 0.01 12.94 -4.12
C ASP A 44 1.45 12.55 -4.47
N ILE A 45 2.36 13.50 -4.37
CA ILE A 45 3.75 13.23 -4.70
C ILE A 45 4.47 12.47 -3.61
N GLY A 46 4.43 13.00 -2.38
CA GLY A 46 5.13 12.34 -1.28
C GLY A 46 4.60 10.97 -0.90
N THR A 47 3.34 10.72 -1.22
CA THR A 47 2.69 9.47 -0.90
C THR A 47 2.68 8.49 -2.07
N ALA A 48 3.09 8.97 -3.24
CA ALA A 48 3.11 8.10 -4.43
C ALA A 48 1.68 7.65 -4.74
N LYS A 49 0.74 8.57 -4.56
CA LYS A 49 -0.66 8.30 -4.80
C LYS A 49 -0.90 7.73 -6.18
N ILE A 50 -1.61 6.62 -6.22
CA ILE A 50 -1.92 5.97 -7.49
C ILE A 50 -2.75 6.92 -8.33
N THR A 51 -2.38 7.04 -9.61
CA THR A 51 -3.10 7.92 -10.51
C THR A 51 -4.22 7.21 -11.25
N ALA A 52 -5.13 7.99 -11.80
CA ALA A 52 -6.27 7.46 -12.54
C ALA A 52 -5.78 6.67 -13.74
N GLU A 53 -4.60 7.03 -14.23
CA GLU A 53 -4.01 6.36 -15.36
C GLU A 53 -3.65 4.92 -14.97
N GLU A 54 -2.72 4.78 -14.04
CA GLU A 54 -2.29 3.46 -13.60
C GLU A 54 -3.39 2.66 -12.93
N MSE A 55 -4.40 3.37 -12.47
CA MSE A 55 -5.52 2.74 -11.81
C MSE A 55 -6.32 2.03 -12.91
O MSE A 55 -7.08 1.09 -12.65
CB MSE A 55 -6.34 3.84 -11.14
CG MSE A 55 -7.28 3.41 -10.04
SE MSE A 55 -8.23 4.94 -9.32
CE MSE A 55 -6.89 5.66 -8.11
N ASP A 56 -6.10 2.48 -14.14
CA ASP A 56 -6.80 1.95 -15.32
C ASP A 56 -8.28 2.21 -15.11
N GLY A 57 -9.12 1.20 -15.33
CA GLY A 57 -10.54 1.38 -15.14
C GLY A 57 -11.01 0.73 -13.86
N VAL A 58 -10.08 0.24 -13.06
CA VAL A 58 -10.41 -0.43 -11.81
C VAL A 58 -10.78 0.55 -10.72
N PRO A 59 -12.00 0.44 -10.19
CA PRO A 59 -12.41 1.37 -9.13
C PRO A 59 -11.65 1.13 -7.83
N HIS A 60 -11.22 2.21 -7.17
CA HIS A 60 -10.47 2.13 -5.92
C HIS A 60 -11.14 2.85 -4.78
N HIS A 61 -10.92 2.38 -3.56
CA HIS A 61 -11.52 3.01 -2.39
C HIS A 61 -10.46 3.41 -1.37
N LEU A 62 -10.85 4.28 -0.44
CA LEU A 62 -9.94 4.70 0.61
C LEU A 62 -8.77 5.52 0.09
N ILE A 63 -9.02 6.30 -0.96
CA ILE A 63 -8.01 7.17 -1.53
C ILE A 63 -8.64 8.56 -1.57
N ASP A 64 -7.93 9.55 -1.04
CA ASP A 64 -8.43 10.92 -1.01
C ASP A 64 -9.78 11.03 -0.30
N ILE A 65 -9.86 10.51 0.92
CA ILE A 65 -11.09 10.59 1.68
C ILE A 65 -10.93 11.43 2.94
N LYS A 66 -9.72 11.93 3.19
CA LYS A 66 -9.48 12.73 4.38
C LYS A 66 -8.48 13.86 4.13
N ASP A 67 -8.57 14.91 4.94
CA ASP A 67 -7.69 16.07 4.84
C ASP A 67 -6.36 15.82 5.51
N PRO A 68 -5.29 16.43 4.98
CA PRO A 68 -3.94 16.26 5.53
C PRO A 68 -3.81 16.56 7.03
N SER A 69 -4.74 17.34 7.56
CA SER A 69 -4.73 17.71 8.99
C SER A 69 -5.31 16.67 9.95
N GLU A 70 -6.09 15.73 9.41
CA GLU A 70 -6.73 14.69 10.22
C GLU A 70 -5.86 13.44 10.35
N SER A 71 -6.38 12.45 11.08
CA SER A 71 -5.65 11.20 11.28
C SER A 71 -6.45 10.01 10.75
N PHE A 72 -5.78 8.89 10.57
CA PHE A 72 -6.43 7.68 10.07
C PHE A 72 -5.95 6.47 10.85
N SER A 73 -6.60 6.20 11.97
CA SER A 73 -6.23 5.07 12.83
C SER A 73 -6.53 3.71 12.23
N VAL A 74 -5.96 2.67 12.82
CA VAL A 74 -6.22 1.33 12.34
C VAL A 74 -7.72 1.08 12.50
N ALA A 75 -8.36 1.80 13.42
CA ALA A 75 -9.80 1.65 13.66
C ALA A 75 -10.61 2.33 12.55
N ASP A 76 -10.24 3.56 12.18
CA ASP A 76 -10.95 4.27 11.11
C ASP A 76 -10.92 3.42 9.83
N PHE A 77 -9.79 2.76 9.59
CA PHE A 77 -9.59 1.89 8.44
C PHE A 77 -10.53 0.66 8.52
N GLN A 78 -10.48 -0.05 9.64
CA GLN A 78 -11.33 -1.21 9.83
C GLN A 78 -12.82 -0.87 9.68
N ASP A 79 -13.24 0.29 10.19
CA ASP A 79 -14.65 0.66 10.10
C ASP A 79 -15.11 0.90 8.66
N LEU A 80 -14.18 1.22 7.78
CA LEU A 80 -14.51 1.48 6.38
C LEU A 80 -14.16 0.29 5.48
N ALA A 81 -13.12 -0.44 5.87
CA ALA A 81 -12.69 -1.59 5.10
C ALA A 81 -13.72 -2.73 5.12
N THR A 82 -14.19 -3.10 6.31
CA THR A 82 -15.17 -4.19 6.45
C THR A 82 -16.47 -3.94 5.67
N PRO A 83 -17.08 -2.77 5.84
CA PRO A 83 -18.33 -2.52 5.11
C PRO A 83 -18.10 -2.55 3.60
N LEU A 84 -16.93 -2.12 3.16
CA LEU A 84 -16.64 -2.11 1.73
C LEU A 84 -16.49 -3.50 1.15
N ILE A 85 -15.92 -4.43 1.92
CA ILE A 85 -15.75 -5.77 1.43
C ILE A 85 -17.11 -6.39 1.12
N THR A 86 -18.05 -6.19 2.02
CA THR A 86 -19.39 -6.73 1.81
C THR A 86 -20.10 -6.01 0.67
N GLU A 87 -19.95 -4.69 0.59
CA GLU A 87 -20.58 -3.93 -0.48
C GLU A 87 -20.02 -4.31 -1.85
N ILE A 88 -18.72 -4.57 -1.91
CA ILE A 88 -18.11 -4.96 -3.18
C ILE A 88 -18.73 -6.25 -3.67
N HIS A 89 -18.94 -7.21 -2.77
CA HIS A 89 -19.54 -8.49 -3.14
C HIS A 89 -20.96 -8.36 -3.68
N GLU A 90 -21.69 -7.34 -3.22
CA GLU A 90 -23.06 -7.15 -3.69
C GLU A 90 -23.09 -6.87 -5.17
N ARG A 91 -22.07 -6.15 -5.67
CA ARG A 91 -22.01 -5.84 -7.09
C ARG A 91 -21.57 -7.10 -7.84
N GLY A 92 -20.95 -8.04 -7.12
CA GLY A 92 -20.51 -9.26 -7.75
C GLY A 92 -19.01 -9.32 -7.96
N ARG A 93 -18.33 -8.22 -7.63
CA ARG A 93 -16.89 -8.17 -7.78
C ARG A 93 -16.20 -8.83 -6.60
N LEU A 94 -14.91 -9.09 -6.79
CA LEU A 94 -14.02 -9.70 -5.82
C LEU A 94 -13.20 -8.59 -5.16
N PRO A 95 -13.38 -8.37 -3.86
CA PRO A 95 -12.63 -7.32 -3.18
C PRO A 95 -11.14 -7.65 -3.08
N PHE A 96 -10.31 -6.65 -3.33
CA PHE A 96 -8.86 -6.77 -3.30
C PHE A 96 -8.23 -5.81 -2.29
N LEU A 97 -7.72 -6.32 -1.17
CA LEU A 97 -7.07 -5.45 -0.17
C LEU A 97 -5.65 -5.24 -0.66
N VAL A 98 -5.29 -4.02 -1.05
CA VAL A 98 -3.93 -3.83 -1.57
C VAL A 98 -2.99 -3.01 -0.68
N GLY A 99 -1.91 -3.65 -0.22
CA GLY A 99 -0.94 -2.98 0.61
C GLY A 99 -1.36 -2.67 2.05
N GLY A 100 -0.63 -1.75 2.68
CA GLY A 100 -0.88 -1.36 4.06
C GLY A 100 0.13 -2.04 4.99
N THR A 101 0.18 -1.61 6.25
CA THR A 101 1.11 -2.22 7.22
C THR A 101 0.57 -3.56 7.73
N GLY A 102 1.45 -4.34 8.36
CA GLY A 102 1.04 -5.63 8.90
C GLY A 102 -0.10 -5.48 9.89
N LEU A 103 -0.18 -4.30 10.52
CA LEU A 103 -1.21 -4.00 11.51
C LEU A 103 -2.58 -3.84 10.81
N TYR A 104 -2.69 -2.91 9.87
CA TYR A 104 -3.96 -2.69 9.16
C TYR A 104 -4.53 -3.97 8.55
N VAL A 105 -3.71 -4.74 7.85
CA VAL A 105 -4.19 -5.97 7.23
C VAL A 105 -4.63 -7.01 8.25
N ASN A 106 -3.88 -7.15 9.34
CA ASN A 106 -4.24 -8.12 10.37
C ASN A 106 -5.56 -7.75 11.05
N ALA A 107 -5.87 -6.46 11.15
CA ALA A 107 -7.10 -6.02 11.78
C ALA A 107 -8.33 -6.29 10.92
N VAL A 108 -8.18 -6.24 9.60
CA VAL A 108 -9.32 -6.49 8.74
C VAL A 108 -9.52 -7.97 8.49
N ILE A 109 -8.46 -8.66 8.08
CA ILE A 109 -8.54 -10.09 7.79
C ILE A 109 -8.78 -10.92 9.03
N HIS A 110 -8.65 -10.34 10.21
CA HIS A 110 -8.89 -11.11 11.43
C HIS A 110 -9.90 -10.47 12.33
N GLN A 111 -10.58 -9.44 11.81
CA GLN A 111 -11.61 -8.72 12.53
C GLN A 111 -11.21 -8.39 13.98
N PHE A 112 -10.09 -7.70 14.15
CA PHE A 112 -9.62 -7.34 15.48
C PHE A 112 -10.72 -6.61 16.24
N ASN A 113 -10.67 -6.72 17.57
CA ASN A 113 -11.64 -6.06 18.43
C ASN A 113 -10.96 -4.76 18.92
N LEU A 114 -10.99 -3.72 18.08
CA LEU A 114 -10.35 -2.45 18.42
C LEU A 114 -11.17 -1.59 19.37
N GLY A 115 -10.48 -0.86 20.24
CA GLY A 115 -11.18 -0.01 21.19
C GLY A 115 -10.41 1.26 21.51
N GLU A 185 -3.59 -14.79 14.33
CA GLU A 185 -3.48 -15.95 15.20
C GLU A 185 -4.53 -16.99 14.80
N THR A 186 -5.79 -16.67 15.10
CA THR A 186 -6.92 -17.54 14.77
C THR A 186 -7.25 -17.37 13.29
N PRO A 187 -7.85 -18.39 12.66
CA PRO A 187 -8.20 -18.32 11.23
C PRO A 187 -9.07 -17.13 10.88
N SER A 188 -8.93 -16.63 9.65
CA SER A 188 -9.70 -15.49 9.20
C SER A 188 -11.14 -15.83 8.87
N PRO A 189 -12.08 -14.95 9.23
CA PRO A 189 -13.49 -15.19 8.95
C PRO A 189 -13.79 -15.10 7.45
N TYR A 190 -12.79 -14.70 6.68
CA TYR A 190 -12.91 -14.58 5.23
C TYR A 190 -12.22 -15.77 4.56
N ASN A 191 -12.44 -15.90 3.26
CA ASN A 191 -11.81 -16.93 2.43
C ASN A 191 -10.78 -16.05 1.74
N LEU A 192 -9.67 -15.84 2.45
CA LEU A 192 -8.60 -14.98 2.01
C LEU A 192 -7.52 -15.68 1.21
N VAL A 193 -6.95 -14.95 0.26
CA VAL A 193 -5.87 -15.48 -0.54
C VAL A 193 -4.69 -14.52 -0.47
N MSE A 194 -3.98 -14.52 0.66
CA MSE A 194 -2.84 -13.63 0.87
C MSE A 194 -1.64 -13.92 -0.02
O MSE A 194 -1.01 -14.99 0.07
CB MSE A 194 -2.37 -13.70 2.32
CG MSE A 194 -3.23 -12.97 3.32
SE MSE A 194 -2.14 -11.77 4.41
CE MSE A 194 -3.28 -10.22 4.38
N ILE A 195 -1.29 -12.96 -0.86
CA ILE A 195 -0.13 -13.14 -1.72
C ILE A 195 0.90 -12.06 -1.39
N GLY A 196 2.17 -12.46 -1.41
CA GLY A 196 3.22 -11.52 -1.11
C GLY A 196 4.10 -11.32 -2.30
N LEU A 197 4.51 -10.07 -2.50
CA LEU A 197 5.37 -9.73 -3.62
C LEU A 197 6.76 -9.37 -3.12
N THR A 198 7.75 -10.18 -3.49
CA THR A 198 9.13 -9.93 -3.08
C THR A 198 10.00 -9.64 -4.28
N MSE A 199 11.24 -9.26 -3.99
CA MSE A 199 12.21 -8.92 -5.00
C MSE A 199 13.61 -9.00 -4.38
O MSE A 199 13.75 -8.95 -3.16
CB MSE A 199 11.90 -7.50 -5.47
CG MSE A 199 12.71 -6.96 -6.61
SE MSE A 199 11.99 -5.22 -7.15
CE MSE A 199 10.58 -5.81 -8.34
N GLU A 200 14.62 -9.14 -5.22
CA GLU A 200 16.00 -9.23 -4.74
C GLU A 200 16.45 -7.96 -4.01
N ARG A 201 16.83 -8.11 -2.74
CA ARG A 201 17.26 -7.01 -1.89
C ARG A 201 17.84 -5.80 -2.64
N ASP A 202 18.85 -6.01 -3.48
CA ASP A 202 19.47 -4.93 -4.24
C ASP A 202 18.48 -4.20 -5.13
N VAL A 203 17.88 -4.92 -6.06
CA VAL A 203 16.95 -4.30 -7.00
C VAL A 203 15.89 -3.51 -6.24
N LEU A 204 15.43 -4.03 -5.11
CA LEU A 204 14.42 -3.32 -4.32
C LEU A 204 14.93 -1.98 -3.83
N TYR A 205 16.13 -1.97 -3.26
CA TYR A 205 16.71 -0.74 -2.73
C TYR A 205 16.98 0.24 -3.86
N ASP A 206 17.51 -0.28 -4.96
CA ASP A 206 17.82 0.56 -6.11
C ASP A 206 16.56 1.24 -6.64
N ARG A 207 15.45 0.51 -6.69
CA ARG A 207 14.21 1.07 -7.20
C ARG A 207 13.67 2.12 -6.24
N ILE A 208 13.86 1.87 -4.95
CA ILE A 208 13.41 2.78 -3.89
C ILE A 208 14.20 4.09 -3.95
N ASN A 209 15.51 3.98 -4.16
CA ASN A 209 16.33 5.17 -4.26
C ASN A 209 15.88 5.96 -5.48
N ARG A 210 15.76 5.28 -6.62
CA ARG A 210 15.33 5.97 -7.84
C ARG A 210 13.95 6.59 -7.65
N ARG A 211 13.09 5.88 -6.93
CA ARG A 211 11.73 6.34 -6.63
C ARG A 211 11.79 7.73 -6.00
N VAL A 212 12.65 7.86 -5.00
CA VAL A 212 12.84 9.12 -4.29
C VAL A 212 13.32 10.25 -5.21
N ASP A 213 14.20 9.91 -6.14
CA ASP A 213 14.72 10.89 -7.10
C ASP A 213 13.59 11.50 -7.90
N GLN A 214 12.65 10.67 -8.34
CA GLN A 214 11.52 11.14 -9.09
C GLN A 214 10.67 12.07 -8.25
N MSE A 215 10.50 11.78 -6.97
CA MSE A 215 9.68 12.65 -6.12
C MSE A 215 10.32 14.03 -6.01
O MSE A 215 9.62 15.05 -6.02
CB MSE A 215 9.50 12.09 -4.71
CG MSE A 215 8.80 10.75 -4.65
SE MSE A 215 8.67 10.11 -2.82
CE MSE A 215 6.81 9.60 -2.82
N VAL A 216 11.64 14.05 -5.91
CA VAL A 216 12.35 15.31 -5.80
C VAL A 216 12.25 16.09 -7.10
N GLU A 217 12.31 15.38 -8.23
CA GLU A 217 12.22 16.02 -9.54
C GLU A 217 10.78 16.35 -9.91
N GLU A 218 9.84 15.72 -9.24
CA GLU A 218 8.43 15.96 -9.51
C GLU A 218 7.93 17.17 -8.72
N GLY A 219 8.68 17.56 -7.70
CA GLY A 219 8.30 18.70 -6.89
C GLY A 219 7.97 18.35 -5.45
N LEU A 220 8.38 17.17 -5.00
CA LEU A 220 8.11 16.77 -3.62
C LEU A 220 8.42 17.91 -2.66
N ILE A 221 9.62 18.45 -2.79
CA ILE A 221 10.10 19.57 -1.97
C ILE A 221 9.05 20.68 -1.83
N ASP A 222 8.57 21.20 -2.96
CA ASP A 222 7.57 22.27 -2.96
C ASP A 222 6.25 21.82 -2.33
N GLU A 223 5.89 20.55 -2.49
CA GLU A 223 4.64 20.05 -1.90
C GLU A 223 4.73 20.12 -0.38
N ALA A 224 5.88 19.73 0.14
CA ALA A 224 6.13 19.76 1.58
C ALA A 224 6.09 21.20 2.08
N LYS A 225 6.93 22.03 1.48
CA LYS A 225 6.98 23.44 1.86
C LYS A 225 5.57 24.02 1.91
N LYS A 226 4.78 23.84 0.84
CA LYS A 226 3.42 24.37 0.86
C LYS A 226 2.64 23.86 2.07
N LEU A 227 2.68 22.56 2.34
CA LEU A 227 1.98 21.99 3.48
C LEU A 227 2.55 22.54 4.77
N TYR A 228 3.84 22.85 4.74
CA TYR A 228 4.54 23.36 5.89
C TYR A 228 4.06 24.77 6.21
N ASP A 229 3.96 25.58 5.16
CA ASP A 229 3.52 26.95 5.32
C ASP A 229 2.03 27.04 5.68
N ARG A 230 1.26 26.05 5.24
CA ARG A 230 -0.17 26.00 5.52
C ARG A 230 -0.43 25.86 7.01
N GLY A 231 0.57 25.38 7.75
CA GLY A 231 0.38 25.20 9.18
C GLY A 231 0.02 23.76 9.52
N ILE A 232 0.23 22.86 8.56
CA ILE A 232 -0.06 21.42 8.74
C ILE A 232 1.11 20.78 9.45
N ARG A 233 0.89 20.34 10.68
CA ARG A 233 1.96 19.70 11.44
C ARG A 233 1.41 19.01 12.67
N ASP A 234 2.26 18.22 13.32
CA ASP A 234 1.88 17.49 14.52
C ASP A 234 0.69 16.56 14.23
N CYS A 235 0.74 15.89 13.10
CA CYS A 235 -0.32 14.97 12.69
C CYS A 235 0.28 13.90 11.78
N GLN A 236 -0.09 12.63 11.99
CA GLN A 236 0.47 11.56 11.20
C GLN A 236 0.79 11.91 9.75
N SER A 237 -0.14 12.52 9.03
CA SER A 237 0.09 12.86 7.65
C SER A 237 1.48 13.46 7.40
N VAL A 238 1.88 14.39 8.27
CA VAL A 238 3.17 15.05 8.12
C VAL A 238 4.32 14.23 8.71
N GLN A 239 4.04 13.48 9.78
CA GLN A 239 5.06 12.66 10.43
C GLN A 239 5.36 11.42 9.61
N ALA A 240 4.60 11.22 8.54
CA ALA A 240 4.75 10.07 7.67
C ALA A 240 6.20 9.87 7.26
N ILE A 241 6.57 8.61 7.11
CA ILE A 241 7.92 8.24 6.75
C ILE A 241 8.25 8.67 5.32
N GLY A 242 7.73 9.83 4.94
CA GLY A 242 7.98 10.37 3.61
C GLY A 242 8.02 11.89 3.60
N TYR A 243 7.38 12.52 4.58
CA TYR A 243 7.35 13.98 4.70
C TYR A 243 8.17 14.49 5.89
N LYS A 244 8.31 13.67 6.92
CA LYS A 244 9.08 14.06 8.09
C LYS A 244 10.51 14.48 7.69
N GLU A 245 11.08 13.78 6.72
CA GLU A 245 12.43 14.09 6.25
C GLU A 245 12.52 15.52 5.71
N MSE A 246 11.51 15.91 4.91
CA MSE A 246 11.47 17.25 4.35
C MSE A 246 11.27 18.28 5.45
O MSE A 246 11.96 19.29 5.49
CB MSE A 246 10.35 17.36 3.31
CG MSE A 246 10.57 16.54 2.06
SE MSE A 246 12.21 16.99 1.12
CE MSE A 246 13.24 15.40 1.48
N TYR A 247 10.33 18.03 6.36
CA TYR A 247 10.10 18.98 7.44
C TYR A 247 11.35 19.18 8.28
N ASP A 248 12.18 18.15 8.35
CA ASP A 248 13.41 18.25 9.11
C ASP A 248 14.35 19.19 8.37
N TYR A 249 14.15 19.31 7.06
CA TYR A 249 14.96 20.19 6.23
C TYR A 249 14.43 21.62 6.35
N LEU A 250 13.13 21.77 6.18
CA LEU A 250 12.48 23.07 6.28
C LEU A 250 12.76 23.70 7.65
N ASP A 251 12.66 22.90 8.70
CA ASP A 251 12.92 23.40 10.04
C ASP A 251 14.33 23.98 10.15
N GLY A 252 15.22 23.53 9.26
CA GLY A 252 16.58 24.03 9.28
C GLY A 252 17.51 23.16 10.08
N ASN A 253 17.25 21.86 10.11
CA ASN A 253 18.12 20.96 10.87
C ASN A 253 19.15 20.24 10.01
N VAL A 254 18.82 20.03 8.74
CA VAL A 254 19.73 19.35 7.83
C VAL A 254 19.69 20.01 6.47
N THR A 255 20.67 19.71 5.62
CA THR A 255 20.69 20.28 4.27
C THR A 255 19.75 19.45 3.40
N LEU A 256 19.34 20.01 2.26
CA LEU A 256 18.43 19.31 1.35
C LEU A 256 18.89 17.92 0.96
N GLU A 257 20.14 17.80 0.52
CA GLU A 257 20.65 16.50 0.13
C GLU A 257 20.67 15.52 1.29
N GLU A 258 20.99 16.00 2.49
CA GLU A 258 20.99 15.14 3.67
C GLU A 258 19.58 14.62 3.94
N ALA A 259 18.59 15.49 3.74
CA ALA A 259 17.21 15.09 3.96
C ALA A 259 16.87 13.99 2.96
N ILE A 260 17.06 14.30 1.69
CA ILE A 260 16.81 13.37 0.61
C ILE A 260 17.45 12.00 0.84
N ASP A 261 18.72 12.01 1.23
CA ASP A 261 19.43 10.76 1.48
C ASP A 261 18.75 10.03 2.63
N THR A 262 18.49 10.74 3.73
CA THR A 262 17.86 10.14 4.88
C THR A 262 16.48 9.62 4.50
N LEU A 263 15.87 10.26 3.53
CA LEU A 263 14.58 9.81 3.08
C LEU A 263 14.74 8.46 2.39
N LYS A 264 15.80 8.31 1.60
CA LYS A 264 16.02 7.06 0.93
C LYS A 264 16.41 6.01 1.95
N ARG A 265 17.19 6.40 2.94
CA ARG A 265 17.64 5.46 3.97
C ARG A 265 16.47 4.98 4.80
N ASN A 266 15.56 5.88 5.18
CA ASN A 266 14.41 5.49 5.98
C ASN A 266 13.42 4.67 5.18
N SER A 267 13.47 4.81 3.87
CA SER A 267 12.59 4.05 3.01
C SER A 267 13.12 2.64 2.85
N ARG A 268 14.42 2.51 2.64
CA ARG A 268 15.01 1.20 2.49
C ARG A 268 14.87 0.40 3.78
N ARG A 269 14.96 1.07 4.92
CA ARG A 269 14.84 0.35 6.17
C ARG A 269 13.41 -0.09 6.37
N TYR A 270 12.46 0.76 5.99
CA TYR A 270 11.06 0.41 6.16
C TYR A 270 10.71 -0.79 5.30
N ALA A 271 11.01 -0.70 4.01
CA ALA A 271 10.69 -1.79 3.11
C ALA A 271 11.14 -3.09 3.77
N LYS A 272 12.38 -3.09 4.25
CA LYS A 272 12.94 -4.25 4.91
C LYS A 272 12.06 -4.73 6.06
N ARG A 273 11.78 -3.83 7.01
CA ARG A 273 10.95 -4.16 8.16
C ARG A 273 9.63 -4.80 7.76
N GLN A 274 9.01 -4.28 6.71
CA GLN A 274 7.72 -4.83 6.27
C GLN A 274 7.91 -6.20 5.61
N LEU A 275 8.95 -6.34 4.81
CA LEU A 275 9.21 -7.61 4.12
C LEU A 275 9.47 -8.74 5.13
N THR A 276 10.10 -8.42 6.26
CA THR A 276 10.37 -9.44 7.27
C THR A 276 9.12 -9.73 8.07
N TRP A 277 8.31 -8.70 8.30
CA TRP A 277 7.08 -8.85 9.06
C TRP A 277 6.16 -9.84 8.34
N PHE A 278 5.88 -9.57 7.08
CA PHE A 278 5.01 -10.46 6.33
C PHE A 278 5.67 -11.81 6.05
N ARG A 279 7.00 -11.84 5.97
CA ARG A 279 7.73 -13.09 5.73
C ARG A 279 7.49 -14.01 6.93
N ASN A 280 7.18 -13.40 8.07
CA ASN A 280 6.92 -14.12 9.31
C ASN A 280 5.53 -14.75 9.35
N LYS A 281 4.50 -13.94 9.11
CA LYS A 281 3.14 -14.43 9.13
C LYS A 281 2.91 -15.46 8.03
N ALA A 282 2.58 -16.69 8.43
CA ALA A 282 2.34 -17.75 7.46
C ALA A 282 1.16 -17.44 6.56
N ASN A 283 0.63 -18.49 5.92
CA ASN A 283 -0.48 -18.34 5.01
C ASN A 283 -0.26 -17.23 3.97
N VAL A 284 1.00 -16.95 3.67
CA VAL A 284 1.29 -15.93 2.67
C VAL A 284 2.10 -16.55 1.53
N THR A 285 1.47 -16.67 0.37
CA THR A 285 2.14 -17.25 -0.79
C THR A 285 3.02 -16.18 -1.39
N TRP A 286 4.28 -16.52 -1.63
CA TRP A 286 5.19 -15.54 -2.19
C TRP A 286 5.55 -15.72 -3.67
N PHE A 287 5.61 -14.60 -4.38
CA PHE A 287 6.02 -14.57 -5.78
C PHE A 287 7.00 -13.42 -5.84
N ASP A 288 8.19 -13.66 -6.38
CA ASP A 288 9.15 -12.57 -6.46
C ASP A 288 9.23 -12.10 -7.89
N MSE A 289 8.90 -10.84 -8.06
CA MSE A 289 8.87 -10.22 -9.37
C MSE A 289 10.28 -10.03 -9.91
O MSE A 289 10.74 -10.79 -10.77
CB MSE A 289 8.08 -8.94 -9.21
CG MSE A 289 6.86 -9.19 -8.30
SE MSE A 289 5.74 -10.69 -8.92
CE MSE A 289 4.96 -9.83 -10.45
N THR A 290 10.99 -9.04 -9.39
CA THR A 290 12.37 -8.80 -9.80
C THR A 290 12.71 -9.13 -11.26
N ASP A 291 12.68 -8.11 -12.10
CA ASP A 291 12.99 -8.27 -13.51
C ASP A 291 12.18 -9.35 -14.19
N VAL A 292 10.88 -9.39 -13.94
CA VAL A 292 10.08 -10.42 -14.57
C VAL A 292 9.06 -9.84 -15.54
N ASP A 293 8.57 -10.68 -16.45
CA ASP A 293 7.58 -10.22 -17.41
C ASP A 293 6.19 -10.30 -16.80
N PHE A 294 5.56 -9.16 -16.54
CA PHE A 294 4.23 -9.18 -15.96
C PHE A 294 3.24 -9.94 -16.81
N ASP A 295 3.53 -10.08 -18.10
CA ASP A 295 2.65 -10.81 -19.00
C ASP A 295 2.76 -12.31 -18.75
N LYS A 296 3.74 -12.70 -17.94
CA LYS A 296 3.96 -14.09 -17.59
C LYS A 296 3.51 -14.34 -16.17
N LYS A 297 4.14 -13.63 -15.23
CA LYS A 297 3.81 -13.78 -13.82
C LYS A 297 2.33 -13.66 -13.54
N ILE A 298 1.69 -12.69 -14.17
CA ILE A 298 0.27 -12.50 -13.95
C ILE A 298 -0.51 -13.80 -14.12
N MSE A 299 -0.27 -14.54 -15.20
CA MSE A 299 -1.00 -15.78 -15.43
C MSE A 299 -0.75 -16.76 -14.30
O MSE A 299 -1.63 -17.49 -13.90
CB MSE A 299 -0.58 -16.43 -16.75
CG MSE A 299 -0.69 -15.55 -17.97
SE MSE A 299 -0.22 -16.50 -19.60
CE MSE A 299 1.70 -16.26 -19.59
N GLU A 300 0.48 -16.76 -13.79
CA GLU A 300 0.88 -17.65 -12.71
C GLU A 300 0.06 -17.36 -11.46
N ILE A 301 0.02 -16.09 -11.04
CA ILE A 301 -0.70 -15.63 -9.86
C ILE A 301 -2.20 -15.80 -10.06
N HIS A 302 -2.66 -15.30 -11.20
CA HIS A 302 -4.06 -15.38 -11.56
C HIS A 302 -4.60 -16.79 -11.34
N ASN A 303 -3.97 -17.75 -11.99
CA ASN A 303 -4.37 -19.13 -11.86
C ASN A 303 -4.35 -19.56 -10.38
N PHE A 304 -3.23 -19.32 -9.69
CA PHE A 304 -3.13 -19.71 -8.29
C PHE A 304 -4.28 -19.16 -7.45
N ILE A 305 -4.57 -17.88 -7.61
CA ILE A 305 -5.66 -17.25 -6.86
C ILE A 305 -7.01 -17.89 -7.22
N ALA A 306 -7.32 -17.95 -8.51
CA ALA A 306 -8.59 -18.54 -8.96
C ALA A 306 -8.76 -19.90 -8.35
N GLY A 307 -7.70 -20.70 -8.45
CA GLY A 307 -7.72 -22.05 -7.94
C GLY A 307 -7.93 -22.15 -6.45
N LYS A 308 -7.06 -21.52 -5.69
CA LYS A 308 -7.17 -21.57 -4.25
C LYS A 308 -8.54 -21.10 -3.75
N LEU A 309 -9.12 -20.07 -4.35
CA LEU A 309 -10.42 -19.61 -3.89
C LEU A 309 -11.50 -20.67 -3.97
N GLU A 310 -11.54 -21.39 -5.10
CA GLU A 310 -12.54 -22.42 -5.31
C GLU A 310 -12.39 -23.68 -4.48
N GLU A 311 -11.15 -24.12 -4.24
CA GLU A 311 -10.94 -25.32 -3.45
C GLU A 311 -11.40 -25.13 -2.00
N LYS A 312 -10.91 -24.07 -1.37
CA LYS A 312 -11.26 -23.78 0.02
C LYS A 312 -12.77 -23.79 0.28
N SER A 313 -13.56 -23.52 -0.74
CA SER A 313 -15.00 -23.51 -0.58
C SER A 313 -15.56 -24.93 -0.78
N LYS A 314 -15.29 -25.81 0.19
CA LYS A 314 -15.77 -27.19 0.14
C LYS A 314 -17.22 -27.31 0.62
S SO4 B . 4.10 -0.72 -5.30
O1 SO4 B . 4.56 -2.01 -4.75
O2 SO4 B . 2.63 -0.72 -5.36
O3 SO4 B . 4.66 -0.52 -6.64
O4 SO4 B . 4.56 0.37 -4.40
#